data_6W3S
#
_entry.id   6W3S
#
_cell.length_a   42.650
_cell.length_b   137.500
_cell.length_c   48.920
_cell.angle_alpha   90.000
_cell.angle_beta   94.280
_cell.angle_gamma   90.000
#
_symmetry.space_group_name_H-M   'P 1 21 1'
#
loop_
_entity.id
_entity.type
_entity.pdbx_description
1 polymer 'Methyl-accepting chemotaxis protein'
2 non-polymer LEUCINE
3 non-polymer GLYCEROL
4 non-polymer 'SULFATE ION'
5 water water
#
_entity_poly.entity_id   1
_entity_poly.type   'polypeptide(L)'
_entity_poly.pdbx_seq_one_letter_code
;GIDPFTKTSLYESTLKNQTDLLKVTQSTVEDFRSTNQSFTRALEKDIANLPYQSLITEENIINNVGPILKYYRHSINALN
VYLGLNNGKVLLSQKSNDAKMPELRDDLDIKTKDWYQEALKTNDIFVTPAYLDTVLKQYVITYSKAIYKDGKIIGVLGVD
IPSEDLQNLVAKTPGNTFLFDQKNKIFAATNKELLNPSIDHSPVLNAYKLNGDNNFFSYKLNNEERLGACTKVFAYTACI
TESADIINKPIYKA
;
_entity_poly.pdbx_strand_id   A,B
#
# COMPACT_ATOMS: atom_id res chain seq x y z
N ILE A 2 12.05 -21.89 -36.92
CA ILE A 2 11.34 -22.27 -35.67
C ILE A 2 10.01 -22.95 -36.00
N ASP A 3 9.79 -24.16 -35.47
CA ASP A 3 8.54 -24.87 -35.72
C ASP A 3 7.38 -24.01 -35.18
N PRO A 4 6.26 -23.90 -35.93
CA PRO A 4 5.13 -23.08 -35.45
C PRO A 4 4.65 -23.44 -34.06
N PHE A 5 4.66 -24.72 -33.72
CA PHE A 5 4.31 -25.14 -32.37
C PHE A 5 5.15 -24.45 -31.31
N THR A 6 6.44 -24.40 -31.56
CA THR A 6 7.34 -23.79 -30.61
C THR A 6 7.11 -22.29 -30.56
N LYS A 7 6.97 -21.65 -31.71
CA LYS A 7 6.76 -20.22 -31.71
C LYS A 7 5.48 -19.87 -30.95
N THR A 8 4.42 -20.61 -31.21
CA THR A 8 3.18 -20.39 -30.48
C THR A 8 3.37 -20.59 -28.96
N SER A 9 4.15 -21.59 -28.55
CA SER A 9 4.39 -21.79 -27.14
C SER A 9 5.08 -20.56 -26.52
N LEU A 10 6.03 -20.00 -27.27
CA LEU A 10 6.79 -18.87 -26.76
C LEU A 10 5.91 -17.63 -26.71
N TYR A 11 5.13 -17.42 -27.76
CA TYR A 11 4.18 -16.30 -27.78
C TYR A 11 3.15 -16.37 -26.64
N GLU A 12 2.55 -17.52 -26.43
CA GLU A 12 1.58 -17.68 -25.36
C GLU A 12 2.18 -17.43 -23.99
N SER A 13 3.39 -17.92 -23.77
CA SER A 13 4.12 -17.72 -22.50
C SER A 13 4.37 -16.23 -22.25
N THR A 14 4.87 -15.57 -23.28
CA THR A 14 5.31 -14.21 -23.04
C THR A 14 4.09 -13.29 -22.92
N LEU A 15 3.04 -13.58 -23.66
CA LEU A 15 1.78 -12.84 -23.47
C LEU A 15 1.28 -12.94 -22.03
N LYS A 16 1.33 -14.12 -21.46
CA LYS A 16 0.87 -14.32 -20.09
C LYS A 16 1.76 -13.51 -19.14
N ASN A 17 3.07 -13.64 -19.35
N ASN A 17 3.08 -13.59 -19.29
CA ASN A 17 4.03 -12.97 -18.51
CA ASN A 17 3.92 -12.87 -18.34
C ASN A 17 3.79 -11.44 -18.51
C ASN A 17 3.72 -11.36 -18.47
N GLN A 18 3.71 -10.87 -19.70
CA GLN A 18 3.63 -9.43 -19.87
C GLN A 18 2.27 -8.90 -19.38
N THR A 19 1.22 -9.69 -19.60
N THR A 19 1.21 -9.68 -19.61
CA THR A 19 -0.11 -9.39 -19.08
CA THR A 19 -0.09 -9.27 -19.12
C THR A 19 -0.07 -9.29 -17.56
C THR A 19 -0.14 -9.33 -17.57
N ASP A 20 0.52 -10.30 -16.94
CA ASP A 20 0.67 -10.31 -15.48
C ASP A 20 1.38 -9.03 -14.99
N LEU A 21 2.45 -8.65 -15.67
CA LEU A 21 3.20 -7.48 -15.21
C LEU A 21 2.40 -6.22 -15.47
N LEU A 22 1.70 -6.11 -16.59
CA LEU A 22 0.84 -4.98 -16.81
C LEU A 22 -0.15 -4.83 -15.67
N LYS A 23 -0.76 -5.95 -15.28
CA LYS A 23 -1.71 -5.93 -14.17
C LYS A 23 -1.13 -5.49 -12.85
N VAL A 24 0.15 -5.79 -12.60
CA VAL A 24 0.79 -5.29 -11.40
C VAL A 24 0.85 -3.76 -11.39
N THR A 25 1.18 -3.19 -12.54
CA THR A 25 1.23 -1.73 -12.63
C THR A 25 -0.17 -1.12 -12.50
N GLN A 26 -1.17 -1.74 -13.11
CA GLN A 26 -2.56 -1.35 -12.89
C GLN A 26 -2.94 -1.37 -11.41
N SER A 27 -2.64 -2.47 -10.73
CA SER A 27 -2.91 -2.60 -9.32
C SER A 27 -2.25 -1.52 -8.48
N THR A 28 -1.01 -1.15 -8.87
CA THR A 28 -0.27 -0.16 -8.13
C THR A 28 -1.06 1.16 -8.16
N VAL A 29 -1.51 1.54 -9.34
CA VAL A 29 -2.29 2.78 -9.50
C VAL A 29 -3.58 2.71 -8.69
N GLU A 30 -4.27 1.59 -8.78
CA GLU A 30 -5.54 1.40 -8.07
C GLU A 30 -5.37 1.51 -6.57
N ASP A 31 -4.34 0.88 -6.07
CA ASP A 31 -4.15 0.82 -4.63
C ASP A 31 -3.74 2.18 -4.07
N PHE A 32 -2.97 2.93 -4.86
CA PHE A 32 -2.61 4.27 -4.47
C PHE A 32 -3.90 5.10 -4.32
N ARG A 33 -4.74 5.07 -5.34
CA ARG A 33 -5.99 5.86 -5.26
C ARG A 33 -6.85 5.44 -4.08
N SER A 34 -7.06 4.13 -3.95
N SER A 34 -7.09 4.13 -3.92
N SER A 34 -7.05 4.13 -3.93
CA SER A 34 -7.96 3.59 -2.93
CA SER A 34 -8.01 3.68 -2.90
CA SER A 34 -7.97 3.62 -2.93
C SER A 34 -7.50 3.96 -1.54
C SER A 34 -7.51 3.96 -1.50
C SER A 34 -7.51 3.94 -1.52
N THR A 35 -6.21 3.84 -1.27
CA THR A 35 -5.68 4.21 0.04
C THR A 35 -5.95 5.69 0.34
N ASN A 36 -5.72 6.54 -0.66
CA ASN A 36 -5.94 7.95 -0.44
C ASN A 36 -7.42 8.27 -0.28
N GLN A 37 -8.29 7.56 -0.99
CA GLN A 37 -9.73 7.75 -0.81
C GLN A 37 -10.17 7.32 0.57
N SER A 38 -9.70 6.17 1.02
N SER A 38 -9.70 6.19 1.06
CA SER A 38 -10.11 5.74 2.33
CA SER A 38 -10.13 5.73 2.39
C SER A 38 -9.71 6.76 3.40
C SER A 38 -9.65 6.66 3.51
N PHE A 39 -8.48 7.25 3.30
CA PHE A 39 -7.96 8.25 4.22
C PHE A 39 -8.87 9.50 4.23
N THR A 40 -9.18 9.98 3.02
CA THR A 40 -9.99 11.18 2.89
C THR A 40 -11.39 10.96 3.52
N ARG A 41 -11.97 9.78 3.30
N ARG A 41 -11.96 9.78 3.27
CA ARG A 41 -13.28 9.47 3.86
CA ARG A 41 -13.25 9.43 3.85
C ARG A 41 -13.23 9.39 5.40
C ARG A 41 -13.22 9.40 5.39
N ALA A 42 -12.16 8.85 5.94
CA ALA A 42 -12.02 8.79 7.39
C ALA A 42 -11.94 10.19 7.99
N LEU A 43 -11.22 11.06 7.31
CA LEU A 43 -11.04 12.44 7.77
C LEU A 43 -12.41 13.16 7.67
N GLU A 44 -13.10 13.00 6.55
CA GLU A 44 -14.46 13.53 6.43
C GLU A 44 -15.31 13.15 7.66
N LYS A 45 -15.29 11.88 7.98
CA LYS A 45 -16.12 11.36 9.07
C LYS A 45 -15.74 12.01 10.40
N ASP A 46 -14.46 12.12 10.69
CA ASP A 46 -14.02 12.73 11.96
C ASP A 46 -14.41 14.21 12.03
N ILE A 47 -14.36 14.93 10.91
CA ILE A 47 -14.77 16.32 10.93
C ILE A 47 -16.27 16.44 11.16
N ALA A 48 -17.04 15.72 10.34
CA ALA A 48 -18.49 15.77 10.41
C ALA A 48 -19.04 15.29 11.73
N ASN A 49 -18.31 14.45 12.47
N ASN A 49 -18.26 14.50 12.45
CA ASN A 49 -18.78 13.99 13.77
CA ASN A 49 -18.68 13.98 13.75
C ASN A 49 -18.56 15.00 14.90
C ASN A 49 -18.64 15.03 14.84
N LEU A 50 -17.85 16.09 14.65
CA LEU A 50 -17.77 17.16 15.65
C LEU A 50 -19.17 17.78 15.82
N PRO A 51 -19.48 18.30 17.02
CA PRO A 51 -20.72 19.05 17.17
C PRO A 51 -20.69 20.32 16.32
N TYR A 52 -21.87 20.82 15.94
N TYR A 52 -21.86 20.81 15.97
CA TYR A 52 -21.91 22.05 15.16
CA TYR A 52 -21.93 22.02 15.17
C TYR A 52 -21.20 23.17 15.87
C TYR A 52 -21.23 23.18 15.87
N GLN A 53 -21.32 23.24 17.19
CA GLN A 53 -20.66 24.31 17.90
C GLN A 53 -19.17 24.43 17.59
N SER A 54 -18.54 23.28 17.36
CA SER A 54 -17.13 23.25 17.03
C SER A 54 -16.79 23.63 15.61
N LEU A 55 -17.81 23.73 14.78
CA LEU A 55 -17.70 23.99 13.36
C LEU A 55 -18.16 25.33 12.85
N ILE A 56 -18.92 26.05 13.67
CA ILE A 56 -19.65 27.20 13.16
C ILE A 56 -19.05 28.57 13.46
N THR A 57 -17.93 28.58 14.15
CA THR A 57 -17.11 29.78 14.18
C THR A 57 -15.71 29.49 13.68
N GLU A 58 -15.11 30.48 13.02
CA GLU A 58 -13.78 30.28 12.49
C GLU A 58 -12.75 29.90 13.55
N GLU A 59 -12.80 30.54 14.71
CA GLU A 59 -11.85 30.20 15.76
C GLU A 59 -12.06 28.74 16.21
N ASN A 60 -13.31 28.29 16.31
CA ASN A 60 -13.54 26.90 16.64
C ASN A 60 -13.06 25.96 15.55
N ILE A 61 -13.24 26.33 14.26
CA ILE A 61 -12.71 25.50 13.17
C ILE A 61 -11.19 25.35 13.38
N ILE A 62 -10.50 26.47 13.57
CA ILE A 62 -9.04 26.46 13.78
C ILE A 62 -8.68 25.50 14.91
N ASN A 63 -9.30 25.68 16.06
CA ASN A 63 -8.90 24.97 17.27
C ASN A 63 -9.35 23.49 17.29
N ASN A 64 -10.49 23.19 16.65
CA ASN A 64 -11.06 21.86 16.70
C ASN A 64 -10.78 21.00 15.47
N VAL A 65 -10.86 21.61 14.30
CA VAL A 65 -10.53 20.91 13.08
C VAL A 65 -9.01 20.89 12.83
N GLY A 66 -8.35 22.00 13.08
CA GLY A 66 -6.92 22.08 12.83
C GLY A 66 -6.10 20.90 13.31
N PRO A 67 -6.27 20.49 14.57
CA PRO A 67 -5.47 19.35 15.05
C PRO A 67 -5.73 18.07 14.23
N ILE A 68 -6.98 17.88 13.86
CA ILE A 68 -7.37 16.71 13.09
C ILE A 68 -6.66 16.74 11.74
N LEU A 69 -6.65 17.90 11.07
CA LEU A 69 -5.96 17.99 9.80
C LEU A 69 -4.45 17.64 9.95
N LYS A 70 -3.86 18.15 11.02
CA LYS A 70 -2.44 17.95 11.28
C LYS A 70 -2.12 16.49 11.51
N TYR A 71 -2.86 15.82 12.42
CA TYR A 71 -2.61 14.42 12.70
C TYR A 71 -2.76 13.57 11.46
N TYR A 72 -3.85 13.80 10.69
CA TYR A 72 -4.05 13.07 9.48
C TYR A 72 -2.90 13.33 8.49
N ARG A 73 -2.53 14.59 8.30
CA ARG A 73 -1.42 14.90 7.41
C ARG A 73 -0.16 14.13 7.79
N HIS A 74 0.19 14.17 9.08
CA HIS A 74 1.35 13.46 9.54
C HIS A 74 1.22 11.94 9.30
N SER A 75 0.07 11.39 9.64
N SER A 75 0.03 11.41 9.54
CA SER A 75 -0.11 9.96 9.57
CA SER A 75 -0.19 9.96 9.49
C SER A 75 0.18 9.35 8.18
C SER A 75 0.33 9.34 8.20
N ILE A 76 -0.06 10.12 7.12
N ILE A 76 0.04 10.01 7.09
CA ILE A 76 0.16 9.63 5.75
CA ILE A 76 0.42 9.46 5.79
C ILE A 76 1.31 10.37 5.04
C ILE A 76 1.48 10.27 5.08
N ASN A 77 1.94 11.32 5.74
CA ASN A 77 2.97 12.19 5.13
C ASN A 77 2.41 12.87 3.88
N ALA A 78 1.20 13.42 4.01
CA ALA A 78 0.67 14.26 2.95
C ALA A 78 1.39 15.61 2.91
N LEU A 79 1.31 16.30 1.78
CA LEU A 79 1.93 17.59 1.62
C LEU A 79 1.11 18.69 2.29
N ASN A 80 -0.22 18.68 2.06
CA ASN A 80 -1.14 19.66 2.62
C ASN A 80 -2.44 18.94 2.89
N VAL A 81 -3.11 19.33 3.99
CA VAL A 81 -4.46 18.86 4.26
C VAL A 81 -5.23 20.11 4.73
N TYR A 82 -6.45 20.29 4.22
CA TYR A 82 -7.08 21.59 4.40
C TYR A 82 -8.60 21.48 4.29
N LEU A 83 -9.27 22.54 4.80
CA LEU A 83 -10.71 22.66 4.74
C LEU A 83 -11.09 24.02 4.25
N GLY A 84 -11.68 24.08 3.07
CA GLY A 84 -12.06 25.35 2.43
C GLY A 84 -13.51 25.69 2.74
N LEU A 85 -13.73 26.93 3.16
CA LEU A 85 -15.05 27.42 3.59
C LEU A 85 -15.67 28.32 2.56
N ASN A 86 -16.99 28.45 2.63
N ASN A 86 -17.00 28.44 2.63
CA ASN A 86 -17.74 29.25 1.64
CA ASN A 86 -17.77 29.25 1.66
C ASN A 86 -17.36 30.73 1.67
C ASN A 86 -17.51 30.76 1.75
N ASN A 87 -16.82 31.22 2.80
CA ASN A 87 -16.38 32.61 2.86
C ASN A 87 -15.04 32.86 2.15
N GLY A 88 -14.52 31.81 1.50
CA GLY A 88 -13.27 31.88 0.76
C GLY A 88 -12.03 31.62 1.56
N LYS A 89 -12.18 31.42 2.85
CA LYS A 89 -11.01 31.10 3.69
C LYS A 89 -10.75 29.61 3.69
N VAL A 90 -9.50 29.23 3.92
CA VAL A 90 -9.15 27.83 3.97
C VAL A 90 -8.28 27.59 5.19
N LEU A 91 -8.66 26.59 5.98
CA LEU A 91 -7.84 26.16 7.11
C LEU A 91 -6.80 25.17 6.62
N LEU A 92 -5.53 25.56 6.68
CA LEU A 92 -4.46 24.87 5.96
C LEU A 92 -3.45 24.27 6.92
N SER A 93 -3.27 22.94 6.84
CA SER A 93 -2.16 22.26 7.51
C SER A 93 -1.14 21.86 6.46
N GLN A 94 0.02 22.48 6.48
CA GLN A 94 1.01 22.32 5.44
C GLN A 94 2.27 21.77 6.02
N LYS A 95 2.96 20.96 5.20
CA LYS A 95 4.29 20.51 5.55
C LYS A 95 5.21 21.74 5.69
N SER A 96 6.06 21.71 6.72
CA SER A 96 7.02 22.77 7.03
C SER A 96 6.49 24.21 7.12
N ASP A 98 8.39 24.13 9.97
CA ASP A 98 8.51 24.91 11.20
C ASP A 98 7.51 24.51 12.28
N ALA A 99 6.69 23.49 12.00
CA ALA A 99 5.68 23.00 12.94
C ALA A 99 4.68 24.05 13.48
N LYS A 100 4.48 25.14 12.75
CA LYS A 100 3.45 26.10 13.13
C LYS A 100 2.05 25.50 12.99
N MET A 101 1.10 25.94 13.82
CA MET A 101 -0.23 25.35 13.78
C MET A 101 -1.01 25.75 12.53
N PRO A 102 -2.02 24.95 12.18
CA PRO A 102 -2.78 25.30 11.00
C PRO A 102 -3.36 26.71 11.08
N GLU A 103 -3.32 27.39 9.94
CA GLU A 103 -3.73 28.80 9.81
C GLU A 103 -4.93 28.88 8.89
N LEU A 104 -5.77 29.89 9.16
CA LEU A 104 -6.90 30.15 8.34
C LEU A 104 -6.49 31.24 7.36
N ARG A 105 -6.31 30.84 6.12
CA ARG A 105 -5.77 31.69 5.06
C ARG A 105 -6.88 32.31 4.24
N ASP A 106 -6.79 33.62 3.95
CA ASP A 106 -7.80 34.29 3.14
C ASP A 106 -7.36 34.69 1.76
N ASP A 107 -6.16 34.26 1.38
CA ASP A 107 -5.52 34.75 0.17
C ASP A 107 -5.27 33.73 -0.91
N LEU A 108 -5.95 32.58 -0.85
CA LEU A 108 -5.62 31.46 -1.74
C LEU A 108 -6.66 31.25 -2.83
N ASP A 109 -7.63 32.15 -2.96
CA ASP A 109 -8.54 32.15 -4.13
C ASP A 109 -9.17 30.76 -4.31
N ILE A 110 -9.73 30.20 -3.24
CA ILE A 110 -10.10 28.80 -3.30
C ILE A 110 -11.29 28.50 -4.20
N LYS A 111 -12.17 29.47 -4.39
CA LYS A 111 -13.34 29.20 -5.22
C LYS A 111 -13.03 29.17 -6.69
N THR A 112 -11.79 29.51 -7.04
CA THR A 112 -11.35 29.39 -8.42
C THR A 112 -10.79 28.00 -8.72
N LYS A 113 -10.64 27.18 -7.68
CA LYS A 113 -9.89 25.94 -7.84
C LYS A 113 -10.81 24.78 -8.22
N ASP A 114 -10.33 23.92 -9.10
CA ASP A 114 -11.12 22.75 -9.50
C ASP A 114 -11.38 21.82 -8.31
N TRP A 115 -10.42 21.61 -7.43
CA TRP A 115 -10.67 20.71 -6.32
C TRP A 115 -11.87 21.19 -5.51
N TYR A 116 -12.04 22.50 -5.39
CA TYR A 116 -13.14 23.08 -4.63
C TYR A 116 -14.46 22.97 -5.41
N GLN A 117 -14.45 23.53 -6.61
N GLN A 117 -14.48 23.51 -6.62
CA GLN A 117 -15.63 23.56 -7.43
CA GLN A 117 -15.74 23.57 -7.31
C GLN A 117 -16.19 22.15 -7.65
C GLN A 117 -16.22 22.18 -7.77
N GLU A 118 -15.32 21.24 -8.04
CA GLU A 118 -15.75 19.92 -8.47
C GLU A 118 -16.29 19.12 -7.32
N ALA A 119 -15.74 19.33 -6.12
CA ALA A 119 -16.26 18.64 -4.92
C ALA A 119 -17.72 18.98 -4.64
N LEU A 120 -18.13 20.18 -4.99
CA LEU A 120 -19.52 20.61 -4.82
C LEU A 120 -20.46 20.13 -5.89
N LYS A 121 -19.94 19.41 -6.89
CA LYS A 121 -20.76 18.90 -7.96
C LYS A 121 -20.91 17.40 -7.94
N THR A 122 -20.25 16.73 -6.97
CA THR A 122 -20.38 15.29 -6.83
C THR A 122 -20.50 14.95 -5.36
N ASN A 123 -21.18 13.86 -5.06
CA ASN A 123 -21.19 13.29 -3.73
C ASN A 123 -20.02 12.35 -3.43
N ASP A 124 -19.19 12.07 -4.44
CA ASP A 124 -17.98 11.29 -4.27
C ASP A 124 -16.80 12.18 -3.90
N ILE A 125 -15.68 11.53 -3.58
CA ILE A 125 -14.40 12.14 -3.57
C ILE A 125 -14.04 12.53 -5.01
N PHE A 126 -13.49 13.72 -5.21
CA PHE A 126 -12.97 14.18 -6.51
C PHE A 126 -11.43 14.05 -6.51
N VAL A 127 -10.88 13.51 -7.58
CA VAL A 127 -9.45 13.33 -7.72
C VAL A 127 -8.97 14.18 -8.89
N THR A 128 -8.10 15.14 -8.61
CA THR A 128 -7.58 15.99 -9.66
C THR A 128 -6.53 15.26 -10.51
N PRO A 129 -6.30 15.73 -11.75
CA PRO A 129 -5.02 15.45 -12.36
C PRO A 129 -3.89 16.05 -11.54
N ALA A 130 -2.66 15.63 -11.81
CA ALA A 130 -1.50 16.23 -11.17
C ALA A 130 -1.35 17.69 -11.61
N TYR A 131 -1.02 18.52 -10.65
CA TYR A 131 -0.83 19.96 -10.92
C TYR A 131 0.10 20.56 -9.86
N LEU A 132 0.61 21.76 -10.15
CA LEU A 132 1.49 22.44 -9.25
C LEU A 132 0.81 23.13 -8.08
N ASP A 133 0.95 22.57 -6.89
CA ASP A 133 0.37 23.14 -5.70
C ASP A 133 0.86 24.57 -5.48
N THR A 134 -0.06 25.50 -5.21
N THR A 134 -0.07 25.47 -5.19
CA THR A 134 0.34 26.87 -4.96
CA THR A 134 0.27 26.87 -4.96
C THR A 134 1.10 27.05 -3.65
C THR A 134 0.94 27.14 -3.60
N VAL A 135 0.77 26.25 -2.64
CA VAL A 135 1.31 26.49 -1.30
C VAL A 135 2.81 26.16 -1.24
N LEU A 136 3.13 24.93 -1.62
CA LEU A 136 4.48 24.42 -1.49
C LEU A 136 5.18 24.19 -2.82
N LYS A 137 4.49 24.43 -3.94
CA LYS A 137 5.14 24.47 -5.24
C LYS A 137 5.77 23.10 -5.56
N GLN A 138 5.01 22.06 -5.24
CA GLN A 138 5.29 20.68 -5.70
C GLN A 138 4.10 20.17 -6.48
N TYR A 139 4.34 19.23 -7.40
CA TYR A 139 3.26 18.62 -8.15
C TYR A 139 2.53 17.63 -7.22
N VAL A 140 1.21 17.75 -7.20
CA VAL A 140 0.34 16.97 -6.33
C VAL A 140 -0.84 16.41 -7.10
N ILE A 141 -1.40 15.36 -6.53
CA ILE A 141 -2.73 14.89 -6.84
C ILE A 141 -3.55 15.24 -5.62
N THR A 142 -4.67 15.91 -5.86
CA THR A 142 -5.55 16.32 -4.76
C THR A 142 -6.81 15.46 -4.74
N TYR A 143 -7.17 15.03 -3.54
CA TYR A 143 -8.42 14.32 -3.25
C TYR A 143 -9.26 15.32 -2.48
N SER A 144 -10.45 15.63 -2.98
CA SER A 144 -11.34 16.56 -2.30
C SER A 144 -12.71 15.98 -2.04
N LYS A 145 -13.37 16.52 -1.03
CA LYS A 145 -14.67 15.98 -0.63
C LYS A 145 -15.43 17.10 0.08
N ALA A 146 -16.64 17.35 -0.41
CA ALA A 146 -17.54 18.24 0.28
C ALA A 146 -18.08 17.55 1.53
N ILE A 147 -17.94 18.22 2.67
N ILE A 147 -17.86 18.15 2.70
CA ILE A 147 -18.24 17.66 3.97
CA ILE A 147 -18.26 17.58 3.96
C ILE A 147 -19.56 18.20 4.47
C ILE A 147 -19.59 18.18 4.37
N TYR A 148 -20.54 17.31 4.71
CA TYR A 148 -21.86 17.70 5.15
C TYR A 148 -22.15 17.14 6.52
N LYS A 149 -22.85 17.92 7.34
CA LYS A 149 -23.31 17.43 8.64
C LYS A 149 -24.81 17.71 8.69
N ASP A 150 -25.66 16.72 8.93
N ASP A 150 -25.59 16.63 8.81
CA ASP A 150 -27.10 17.01 8.92
CA ASP A 150 -27.07 16.65 8.79
C ASP A 150 -27.50 17.65 7.59
C ASP A 150 -27.58 17.40 7.57
N GLY A 151 -26.85 17.28 6.48
CA GLY A 151 -27.25 17.87 5.21
C GLY A 151 -26.74 19.26 4.91
N LYS A 152 -26.05 19.86 5.87
CA LYS A 152 -25.51 21.21 5.68
C LYS A 152 -24.04 21.13 5.39
N ILE A 153 -23.61 21.84 4.35
N ILE A 153 -23.64 21.85 4.35
CA ILE A 153 -22.20 21.80 4.00
CA ILE A 153 -22.24 21.90 4.00
C ILE A 153 -21.35 22.57 5.01
C ILE A 153 -21.43 22.54 5.14
N ILE A 154 -20.28 21.93 5.48
CA ILE A 154 -19.32 22.52 6.37
C ILE A 154 -18.22 23.23 5.56
N GLY A 155 -17.66 22.51 4.60
CA GLY A 155 -16.70 23.01 3.67
C GLY A 155 -16.18 21.88 2.80
N VAL A 156 -15.16 22.20 2.00
CA VAL A 156 -14.56 21.24 1.12
C VAL A 156 -13.18 20.83 1.65
N LEU A 157 -13.05 19.55 2.00
CA LEU A 157 -11.79 18.95 2.45
C LEU A 157 -10.91 18.75 1.22
N GLY A 158 -9.61 19.02 1.38
CA GLY A 158 -8.62 18.65 0.37
C GLY A 158 -7.41 18.02 0.99
N VAL A 159 -6.89 17.03 0.27
CA VAL A 159 -5.70 16.29 0.66
C VAL A 159 -4.77 16.24 -0.56
N ASP A 160 -3.55 16.80 -0.39
CA ASP A 160 -2.58 16.84 -1.46
C ASP A 160 -1.50 15.79 -1.21
N ILE A 161 -1.35 14.89 -2.16
CA ILE A 161 -0.32 13.87 -2.13
C ILE A 161 0.65 14.15 -3.28
N PRO A 162 1.99 14.19 -2.99
CA PRO A 162 2.88 14.41 -4.11
C PRO A 162 2.73 13.39 -5.25
N SER A 163 2.62 13.88 -6.48
CA SER A 163 2.52 12.96 -7.58
C SER A 163 3.73 12.07 -7.70
N GLU A 164 4.88 12.58 -7.26
CA GLU A 164 6.12 11.79 -7.28
C GLU A 164 5.91 10.47 -6.50
N ASP A 165 5.00 10.45 -5.51
CA ASP A 165 4.79 9.22 -4.74
C ASP A 165 4.25 8.11 -5.65
N LEU A 166 3.31 8.45 -6.53
CA LEU A 166 2.78 7.49 -7.47
C LEU A 166 3.84 7.14 -8.50
N GLN A 167 4.51 8.17 -9.02
CA GLN A 167 5.57 7.91 -9.99
C GLN A 167 6.56 6.88 -9.48
N ASN A 168 6.98 7.07 -8.23
CA ASN A 168 7.99 6.20 -7.66
C ASN A 168 7.46 4.76 -7.44
N LEU A 169 6.19 4.63 -7.05
CA LEU A 169 5.60 3.32 -6.92
C LEU A 169 5.57 2.59 -8.27
N VAL A 170 5.13 3.29 -9.34
CA VAL A 170 5.10 2.68 -10.63
C VAL A 170 6.49 2.28 -11.10
N ALA A 171 7.45 3.14 -10.88
CA ALA A 171 8.78 2.87 -11.38
C ALA A 171 9.38 1.62 -10.77
N LYS A 172 9.04 1.34 -9.50
CA LYS A 172 9.59 0.20 -8.79
C LYS A 172 9.06 -1.14 -9.29
N THR A 173 7.92 -1.15 -10.01
CA THR A 173 7.28 -2.40 -10.41
C THR A 173 8.17 -3.18 -11.37
N PRO A 174 8.04 -4.52 -11.37
CA PRO A 174 8.71 -5.29 -12.43
C PRO A 174 8.19 -4.95 -13.84
N GLY A 175 8.98 -5.34 -14.84
CA GLY A 175 8.62 -5.13 -16.20
C GLY A 175 8.89 -3.73 -16.73
N ASN A 176 8.88 -3.64 -18.05
CA ASN A 176 9.06 -2.38 -18.76
C ASN A 176 7.67 -1.75 -18.90
N THR A 177 7.17 -1.31 -17.75
CA THR A 177 5.85 -0.72 -17.66
C THR A 177 5.96 0.79 -17.51
N PHE A 178 4.91 1.48 -17.93
CA PHE A 178 4.89 2.93 -17.96
C PHE A 178 3.44 3.41 -17.99
N LEU A 179 3.25 4.66 -17.60
CA LEU A 179 1.94 5.24 -17.44
C LEU A 179 1.90 6.58 -18.15
N PHE A 180 0.85 6.77 -18.95
CA PHE A 180 0.47 8.07 -19.50
C PHE A 180 -0.65 8.71 -18.70
N ASP A 181 -0.64 10.04 -18.61
CA ASP A 181 -1.72 10.81 -18.01
C ASP A 181 -2.86 11.01 -19.00
N GLN A 182 -3.87 11.78 -18.58
CA GLN A 182 -5.11 11.95 -19.37
C GLN A 182 -4.89 12.67 -20.70
N LYS A 183 -3.76 13.34 -20.84
CA LYS A 183 -3.41 14.06 -22.06
C LYS A 183 -2.44 13.22 -22.90
N ASN A 184 -2.29 11.94 -22.54
CA ASN A 184 -1.36 11.00 -23.21
C ASN A 184 0.09 11.49 -23.18
N LYS A 185 0.44 12.18 -22.12
CA LYS A 185 1.84 12.54 -21.86
C LYS A 185 2.42 11.55 -20.86
N ILE A 186 3.66 11.12 -21.11
CA ILE A 186 4.27 10.18 -20.19
C ILE A 186 4.31 10.75 -18.78
N PHE A 187 3.99 9.88 -17.80
CA PHE A 187 3.81 10.27 -16.40
C PHE A 187 4.76 9.53 -15.47
N ALA A 188 4.94 8.23 -15.72
CA ALA A 188 5.79 7.38 -14.89
C ALA A 188 6.32 6.24 -15.74
N ALA A 189 7.48 5.72 -15.35
CA ALA A 189 8.11 4.60 -16.07
C ALA A 189 9.15 3.90 -15.25
N THR A 190 9.20 2.56 -15.34
CA THR A 190 10.30 1.85 -14.74
C THR A 190 11.64 2.19 -15.34
N ASN A 191 11.69 2.38 -16.66
CA ASN A 191 12.91 2.82 -17.29
C ASN A 191 12.84 4.33 -17.43
N LYS A 192 13.64 5.04 -16.64
CA LYS A 192 13.51 6.50 -16.54
C LYS A 192 13.76 7.17 -17.90
N GLU A 193 14.46 6.51 -18.81
CA GLU A 193 14.69 7.12 -20.15
C GLU A 193 13.41 7.44 -20.93
N LEU A 194 12.36 6.66 -20.66
CA LEU A 194 11.07 6.90 -21.32
C LEU A 194 10.42 8.19 -20.92
N LEU A 195 10.96 8.84 -19.90
CA LEU A 195 10.45 10.13 -19.46
C LEU A 195 10.97 11.30 -20.32
N ASN A 196 11.88 11.04 -21.24
CA ASN A 196 12.38 12.08 -22.14
C ASN A 196 11.20 12.64 -22.95
N PRO A 197 10.90 13.93 -22.86
CA PRO A 197 9.67 14.46 -23.45
C PRO A 197 9.67 14.44 -24.96
N SER A 198 10.84 14.18 -25.53
N SER A 198 10.83 14.27 -25.58
CA SER A 198 10.99 14.13 -26.99
CA SER A 198 10.87 14.19 -27.04
C SER A 198 10.90 12.74 -27.59
C SER A 198 10.57 12.80 -27.59
N ILE A 199 10.62 11.77 -26.74
CA ILE A 199 10.37 10.41 -27.21
C ILE A 199 8.97 10.40 -27.79
N ASP A 200 8.86 9.80 -28.95
CA ASP A 200 7.61 9.58 -29.60
C ASP A 200 6.94 8.28 -29.11
N HIS A 201 5.73 8.37 -28.58
CA HIS A 201 4.99 7.18 -28.15
C HIS A 201 3.82 6.81 -29.10
N SER A 202 3.73 7.42 -30.29
N SER A 202 3.78 7.36 -30.32
CA SER A 202 2.64 7.14 -31.21
CA SER A 202 2.64 7.15 -31.20
C SER A 202 2.48 5.64 -31.54
C SER A 202 2.48 5.71 -31.70
N PRO A 203 3.59 4.95 -31.86
CA PRO A 203 3.46 3.56 -32.24
C PRO A 203 2.70 2.73 -31.20
N VAL A 204 3.08 2.88 -29.94
N VAL A 204 3.04 2.87 -29.93
CA VAL A 204 2.44 2.14 -28.86
CA VAL A 204 2.37 2.05 -28.92
C VAL A 204 1.00 2.63 -28.71
C VAL A 204 1.00 2.61 -28.56
N LEU A 205 0.82 3.93 -28.64
CA LEU A 205 -0.52 4.49 -28.40
C LEU A 205 -1.47 4.15 -29.56
N ASN A 206 -0.94 4.09 -30.78
CA ASN A 206 -1.76 3.74 -31.94
C ASN A 206 -2.16 2.28 -31.95
N ALA A 207 -1.20 1.45 -31.61
CA ALA A 207 -1.44 0.03 -31.50
C ALA A 207 -2.48 -0.25 -30.39
N TYR A 208 -2.38 0.49 -29.29
CA TYR A 208 -3.40 0.40 -28.24
C TYR A 208 -4.79 0.81 -28.75
N LYS A 209 -4.84 1.92 -29.48
N LYS A 209 -4.88 1.91 -29.47
CA LYS A 209 -6.09 2.43 -30.05
CA LYS A 209 -6.20 2.35 -29.91
C LYS A 209 -6.80 1.38 -30.90
C LYS A 209 -6.83 1.31 -30.86
N LEU A 210 -6.01 0.62 -31.66
CA LEU A 210 -6.56 -0.44 -32.55
C LEU A 210 -7.00 -1.69 -31.77
N ASN A 211 -6.24 -2.02 -30.74
CA ASN A 211 -6.36 -3.34 -30.13
C ASN A 211 -7.20 -3.36 -28.87
N GLY A 212 -7.23 -2.26 -28.11
CA GLY A 212 -8.02 -2.18 -26.89
C GLY A 212 -7.35 -2.70 -25.63
N ASP A 213 -8.07 -2.64 -24.52
CA ASP A 213 -7.47 -2.89 -23.20
C ASP A 213 -7.00 -4.34 -23.07
N ASN A 214 -5.75 -4.49 -22.63
CA ASN A 214 -5.14 -5.78 -22.31
C ASN A 214 -4.95 -6.71 -23.50
N ASN A 215 -5.06 -6.18 -24.70
CA ASN A 215 -4.89 -6.99 -25.90
C ASN A 215 -3.51 -6.78 -26.50
N PHE A 216 -2.75 -7.86 -26.52
N PHE A 216 -2.76 -7.86 -26.57
CA PHE A 216 -1.32 -7.90 -26.85
CA PHE A 216 -1.37 -7.73 -26.97
C PHE A 216 -1.20 -7.58 -28.37
C PHE A 216 -1.21 -7.58 -28.45
N PHE A 217 -0.21 -6.76 -28.75
CA PHE A 217 0.00 -6.36 -30.15
C PHE A 217 1.48 -6.39 -30.51
N SER A 218 1.76 -6.44 -31.80
N SER A 218 1.77 -6.31 -31.81
N SER A 218 1.80 -6.45 -31.80
CA SER A 218 3.06 -6.17 -32.35
CA SER A 218 3.11 -6.25 -32.35
CA SER A 218 3.14 -6.21 -32.23
C SER A 218 3.22 -4.71 -32.73
C SER A 218 3.29 -4.89 -33.01
C SER A 218 3.26 -4.82 -32.87
N TYR A 219 4.47 -4.27 -32.82
CA TYR A 219 4.79 -3.02 -33.48
C TYR A 219 6.30 -2.98 -33.74
N LYS A 220 6.74 -1.95 -34.46
CA LYS A 220 8.12 -1.85 -34.88
C LYS A 220 8.82 -0.69 -34.21
N LEU A 221 10.11 -0.90 -33.95
CA LEU A 221 11.05 0.15 -33.52
C LEU A 221 12.37 -0.06 -34.24
N ASN A 222 12.81 0.91 -35.04
CA ASN A 222 14.08 0.83 -35.78
C ASN A 222 14.15 -0.48 -36.55
N ASN A 223 13.00 -0.85 -37.12
CA ASN A 223 12.86 -2.00 -38.03
C ASN A 223 12.87 -3.35 -37.30
N GLU A 224 12.85 -3.33 -35.98
CA GLU A 224 12.75 -4.53 -35.15
C GLU A 224 11.39 -4.64 -34.52
N GLU A 225 10.97 -5.89 -34.34
CA GLU A 225 9.66 -6.20 -33.78
C GLU A 225 9.66 -6.11 -32.26
N ARG A 226 8.59 -5.52 -31.74
CA ARG A 226 8.32 -5.50 -30.34
C ARG A 226 6.88 -5.96 -30.08
N LEU A 227 6.61 -6.28 -28.82
CA LEU A 227 5.31 -6.74 -28.38
C LEU A 227 4.89 -5.85 -27.20
N GLY A 228 3.60 -5.60 -27.11
CA GLY A 228 3.12 -4.84 -25.96
C GLY A 228 1.64 -4.92 -25.75
N ALA A 229 1.22 -4.24 -24.67
CA ALA A 229 -0.19 -4.09 -24.39
C ALA A 229 -0.37 -2.86 -23.54
N CYS A 230 -1.57 -2.28 -23.59
CA CYS A 230 -1.93 -1.21 -22.66
C CYS A 230 -3.33 -1.43 -22.15
N THR A 231 -3.69 -0.75 -21.07
CA THR A 231 -5.04 -0.73 -20.55
C THR A 231 -5.29 0.62 -19.88
N LYS A 232 -6.56 1.04 -19.88
N LYS A 232 -6.57 0.98 -19.82
CA LYS A 232 -6.95 2.23 -19.17
CA LYS A 232 -6.99 2.20 -19.14
C LYS A 232 -6.93 1.89 -17.68
C LYS A 232 -6.98 1.89 -17.65
N VAL A 233 -6.48 2.84 -16.86
CA VAL A 233 -6.56 2.74 -15.42
C VAL A 233 -6.97 4.14 -14.96
N PHE A 234 -8.24 4.29 -14.61
CA PHE A 234 -8.83 5.61 -14.40
C PHE A 234 -8.61 6.42 -15.68
N ALA A 235 -8.08 7.64 -15.58
CA ALA A 235 -7.82 8.42 -16.76
C ALA A 235 -6.43 8.19 -17.34
N TYR A 236 -5.64 7.36 -16.67
CA TYR A 236 -4.31 7.03 -17.11
C TYR A 236 -4.35 5.88 -18.12
N THR A 237 -3.27 5.75 -18.88
CA THR A 237 -3.08 4.58 -19.74
C THR A 237 -1.80 3.91 -19.31
N ALA A 238 -1.91 2.65 -18.84
CA ALA A 238 -0.74 1.86 -18.48
C ALA A 238 -0.35 0.95 -19.62
N CYS A 239 0.96 0.83 -19.88
CA CYS A 239 1.48 0.00 -20.97
C CYS A 239 2.68 -0.80 -20.50
N ILE A 240 2.90 -1.89 -21.25
CA ILE A 240 4.14 -2.65 -21.15
C ILE A 240 4.60 -3.00 -22.56
N THR A 241 5.91 -2.95 -22.79
CA THR A 241 6.45 -3.43 -24.07
C THR A 241 7.70 -4.25 -23.83
N GLU A 242 8.03 -5.10 -24.82
CA GLU A 242 9.27 -5.87 -24.81
C GLU A 242 9.69 -6.12 -26.23
N SER A 243 10.94 -6.57 -26.37
CA SER A 243 11.41 -7.04 -27.66
C SER A 243 10.67 -8.32 -28.01
N ALA A 244 10.37 -8.51 -29.29
CA ALA A 244 9.88 -9.78 -29.80
C ALA A 244 10.93 -10.86 -30.02
N ASP A 245 12.16 -10.62 -29.55
CA ASP A 245 13.21 -11.62 -29.74
C ASP A 245 12.83 -12.94 -29.04
N ILE A 246 12.08 -12.85 -27.96
CA ILE A 246 11.64 -14.07 -27.26
C ILE A 246 10.87 -15.05 -28.16
N ILE A 247 10.08 -14.54 -29.09
CA ILE A 247 9.36 -15.40 -30.00
C ILE A 247 10.09 -15.65 -31.31
N ASN A 248 10.97 -14.75 -31.70
CA ASN A 248 11.62 -14.81 -33.02
C ASN A 248 12.98 -15.50 -33.03
N LYS A 249 13.62 -15.48 -31.85
CA LYS A 249 14.98 -15.98 -31.81
C LYS A 249 15.09 -17.13 -30.79
N GLY B 1 19.87 -37.69 -15.92
CA GLY B 1 20.59 -36.56 -16.56
C GLY B 1 19.90 -35.22 -16.38
N ILE B 2 20.43 -34.24 -17.08
CA ILE B 2 19.78 -32.95 -17.17
C ILE B 2 18.52 -33.07 -18.03
N ASP B 3 17.42 -32.53 -17.50
CA ASP B 3 16.15 -32.46 -18.22
C ASP B 3 16.33 -31.53 -19.43
N PRO B 4 16.17 -32.05 -20.64
CA PRO B 4 16.39 -31.20 -21.79
C PRO B 4 15.58 -29.89 -21.81
N PHE B 5 14.39 -29.92 -21.23
CA PHE B 5 13.55 -28.75 -21.27
C PHE B 5 14.21 -27.58 -20.57
N THR B 6 15.07 -27.87 -19.59
CA THR B 6 15.72 -26.82 -18.86
C THR B 6 16.71 -25.95 -19.65
N LYS B 7 17.06 -26.44 -20.86
CA LYS B 7 17.91 -25.75 -21.78
C LYS B 7 17.18 -24.90 -22.81
N THR B 8 15.86 -24.79 -22.68
CA THR B 8 15.07 -24.02 -23.65
C THR B 8 14.87 -22.58 -23.24
N SER B 9 14.69 -21.72 -24.24
CA SER B 9 14.34 -20.34 -23.97
C SER B 9 12.95 -20.22 -23.33
N LEU B 10 12.06 -21.19 -23.58
CA LEU B 10 10.77 -21.16 -22.93
C LEU B 10 10.85 -21.41 -21.42
N TYR B 11 11.67 -22.37 -21.03
CA TYR B 11 11.94 -22.62 -19.61
C TYR B 11 12.55 -21.40 -18.92
N GLU B 12 13.53 -20.80 -19.58
CA GLU B 12 14.14 -19.61 -19.02
C GLU B 12 13.14 -18.46 -18.83
N SER B 13 12.29 -18.20 -19.80
N SER B 13 12.35 -18.20 -19.88
CA SER B 13 11.40 -17.07 -19.62
CA SER B 13 11.25 -17.20 -19.86
C SER B 13 10.22 -17.43 -18.70
C SER B 13 10.39 -17.48 -18.61
N THR B 14 9.97 -18.72 -18.49
CA THR B 14 9.01 -19.13 -17.47
C THR B 14 9.52 -18.93 -16.07
N LEU B 15 10.78 -19.25 -15.86
CA LEU B 15 11.40 -18.99 -14.58
C LEU B 15 11.55 -17.50 -14.30
N LYS B 16 11.91 -16.72 -15.34
N LYS B 16 11.89 -16.73 -15.34
CA LYS B 16 11.91 -15.28 -15.16
CA LYS B 16 11.90 -15.30 -15.15
C LYS B 16 10.57 -14.76 -14.62
C LYS B 16 10.57 -14.74 -14.63
N ASN B 17 9.47 -15.20 -15.23
CA ASN B 17 8.11 -14.81 -14.81
C ASN B 17 7.91 -15.18 -13.35
N GLN B 18 8.25 -16.41 -13.00
CA GLN B 18 8.04 -16.86 -11.64
C GLN B 18 8.81 -15.96 -10.68
N THR B 19 10.06 -15.67 -11.04
CA THR B 19 10.89 -14.79 -10.20
C THR B 19 10.18 -13.44 -10.03
N ASP B 20 9.76 -12.86 -11.17
CA ASP B 20 9.09 -11.56 -11.05
C ASP B 20 7.87 -11.63 -10.13
N LEU B 21 7.08 -12.68 -10.25
CA LEU B 21 5.87 -12.76 -9.42
C LEU B 21 6.21 -12.98 -7.94
N LEU B 22 7.24 -13.78 -7.68
CA LEU B 22 7.73 -13.92 -6.31
C LEU B 22 8.16 -12.53 -5.73
N LYS B 23 8.86 -11.75 -6.54
CA LYS B 23 9.33 -10.42 -6.12
C LYS B 23 8.13 -9.51 -5.79
N VAL B 24 7.05 -9.61 -6.57
CA VAL B 24 5.87 -8.82 -6.24
C VAL B 24 5.33 -9.15 -4.84
N THR B 25 5.31 -10.43 -4.48
CA THR B 25 4.89 -10.82 -3.12
C THR B 25 5.88 -10.30 -2.08
N GLN B 26 7.19 -10.41 -2.37
CA GLN B 26 8.19 -9.83 -1.50
C GLN B 26 7.91 -8.31 -1.25
N SER B 27 7.69 -7.60 -2.36
CA SER B 27 7.46 -6.16 -2.26
C SER B 27 6.20 -5.87 -1.44
N THR B 28 5.20 -6.71 -1.57
CA THR B 28 3.96 -6.53 -0.81
C THR B 28 4.20 -6.58 0.70
N VAL B 29 5.03 -7.52 1.13
CA VAL B 29 5.35 -7.66 2.54
C VAL B 29 6.18 -6.44 2.98
N GLU B 30 7.18 -6.09 2.16
CA GLU B 30 8.06 -4.96 2.50
C GLU B 30 7.24 -3.66 2.67
N ASP B 31 6.32 -3.43 1.74
CA ASP B 31 5.64 -2.16 1.69
C ASP B 31 4.63 -2.08 2.84
N PHE B 32 4.02 -3.19 3.20
CA PHE B 32 3.15 -3.25 4.38
C PHE B 32 3.91 -2.86 5.63
N ARG B 33 5.08 -3.46 5.84
N ARG B 33 5.10 -3.45 5.80
CA ARG B 33 5.88 -3.09 7.00
CA ARG B 33 5.89 -3.16 6.97
C ARG B 33 6.26 -1.62 6.93
C ARG B 33 6.34 -1.71 7.05
N SER B 34 6.82 -1.17 5.82
N SER B 34 6.77 -1.15 5.92
N SER B 34 6.79 -1.18 5.85
CA SER B 34 7.32 0.21 5.73
CA SER B 34 7.31 0.20 5.93
CA SER B 34 7.30 0.19 5.79
C SER B 34 6.24 1.23 6.04
C SER B 34 6.21 1.25 6.08
C SER B 34 6.20 1.17 6.14
N THR B 35 5.05 0.99 5.51
CA THR B 35 3.93 1.89 5.75
C THR B 35 3.56 1.93 7.23
N ASN B 36 3.45 0.76 7.83
CA ASN B 36 3.09 0.68 9.23
C ASN B 36 4.14 1.28 10.14
N GLN B 37 5.41 1.06 9.84
CA GLN B 37 6.48 1.66 10.60
C GLN B 37 6.46 3.20 10.52
N SER B 38 6.25 3.71 9.32
N SER B 38 6.30 3.76 9.33
CA SER B 38 6.23 5.15 9.14
CA SER B 38 6.28 5.22 9.24
C SER B 38 5.08 5.81 9.89
C SER B 38 5.07 5.82 9.91
N PHE B 39 3.93 5.15 9.84
CA PHE B 39 2.75 5.58 10.59
C PHE B 39 3.04 5.64 12.09
N THR B 40 3.69 4.59 12.59
CA THR B 40 4.01 4.52 14.02
C THR B 40 4.98 5.61 14.45
N ARG B 41 6.00 5.85 13.62
N ARG B 41 5.99 5.88 13.61
CA ARG B 41 6.95 6.95 13.86
CA ARG B 41 6.95 6.94 13.90
C ARG B 41 6.23 8.28 13.93
C ARG B 41 6.31 8.32 13.86
N ALA B 42 5.33 8.50 12.98
CA ALA B 42 4.61 9.79 12.93
C ALA B 42 3.78 10.01 14.19
N LEU B 43 3.12 8.94 14.65
CA LEU B 43 2.37 8.96 15.88
C LEU B 43 3.20 9.26 17.13
N GLU B 44 4.38 8.59 17.23
CA GLU B 44 5.33 8.87 18.28
C GLU B 44 5.66 10.36 18.29
N LYS B 45 5.96 10.91 17.12
CA LYS B 45 6.41 12.29 17.07
C LYS B 45 5.29 13.22 17.54
N ASP B 46 4.05 12.97 17.14
CA ASP B 46 2.96 13.84 17.58
C ASP B 46 2.68 13.70 19.08
N ILE B 47 2.80 12.52 19.65
CA ILE B 47 2.66 12.38 21.07
C ILE B 47 3.76 13.11 21.82
N ALA B 48 5.01 12.91 21.38
CA ALA B 48 6.13 13.51 22.11
C ALA B 48 6.20 15.04 21.89
N ASN B 49 5.48 15.59 20.91
N ASN B 49 5.48 15.55 20.90
CA ASN B 49 5.42 17.04 20.76
CA ASN B 49 5.35 16.98 20.66
C ASN B 49 4.43 17.70 21.69
C ASN B 49 4.51 17.67 21.73
N LEU B 50 3.67 16.91 22.43
CA LEU B 50 2.88 17.46 23.51
C LEU B 50 3.82 17.98 24.59
N PRO B 51 3.41 19.07 25.28
CA PRO B 51 4.27 19.51 26.37
C PRO B 51 4.47 18.48 27.47
N TYR B 52 5.68 18.46 28.01
N TYR B 52 5.61 18.53 28.14
CA TYR B 52 5.98 17.71 29.21
CA TYR B 52 5.96 17.51 29.16
C TYR B 52 4.79 17.51 30.13
C TYR B 52 4.90 17.50 30.27
N GLN B 53 4.28 18.64 30.59
CA GLN B 53 3.23 18.62 31.63
C GLN B 53 1.98 17.83 31.21
N SER B 54 1.72 17.78 29.92
CA SER B 54 0.57 17.08 29.36
C SER B 54 0.76 15.57 29.34
N LEU B 55 1.99 15.11 29.62
CA LEU B 55 2.35 13.69 29.49
C LEU B 55 2.62 12.95 30.81
N ILE B 56 2.46 13.64 31.94
CA ILE B 56 2.91 13.10 33.23
C ILE B 56 1.84 12.96 34.26
N THR B 57 0.59 13.23 33.95
CA THR B 57 -0.49 12.77 34.85
C THR B 57 -1.47 11.91 34.04
N GLU B 58 -2.22 11.04 34.70
CA GLU B 58 -3.16 10.19 33.96
C GLU B 58 -4.27 11.00 33.30
N GLU B 59 -4.80 11.97 34.03
CA GLU B 59 -5.80 12.86 33.47
C GLU B 59 -5.30 13.58 32.22
N ASN B 60 -4.08 14.10 32.28
CA ASN B 60 -3.55 14.84 31.12
C ASN B 60 -3.27 13.88 29.94
N ILE B 61 -2.79 12.69 30.25
CA ILE B 61 -2.59 11.67 29.20
C ILE B 61 -3.92 11.33 28.51
N ILE B 62 -4.95 11.04 29.31
CA ILE B 62 -6.26 10.74 28.75
C ILE B 62 -6.70 11.87 27.84
N ASN B 63 -6.69 13.09 28.38
CA ASN B 63 -7.26 14.22 27.65
C ASN B 63 -6.44 14.64 26.41
N ASN B 64 -5.11 14.51 26.47
CA ASN B 64 -4.24 15.02 25.46
C ASN B 64 -3.76 13.96 24.45
N VAL B 65 -3.40 12.81 24.96
CA VAL B 65 -2.93 11.74 24.09
C VAL B 65 -4.12 11.01 23.42
N GLY B 66 -5.23 10.85 24.15
CA GLY B 66 -6.33 10.08 23.63
C GLY B 66 -6.81 10.50 22.25
N PRO B 67 -7.02 11.80 22.05
CA PRO B 67 -7.53 12.20 20.73
C PRO B 67 -6.54 11.84 19.62
N ILE B 68 -5.25 11.97 19.90
CA ILE B 68 -4.24 11.67 18.89
C ILE B 68 -4.27 10.17 18.52
N LEU B 69 -4.44 9.32 19.52
CA LEU B 69 -4.55 7.89 19.24
C LEU B 69 -5.76 7.60 18.34
N LYS B 70 -6.88 8.26 18.64
N LYS B 70 -6.87 8.27 18.63
CA LYS B 70 -8.13 8.01 17.95
CA LYS B 70 -8.11 8.01 17.94
C LYS B 70 -8.03 8.46 16.51
C LYS B 70 -8.03 8.45 16.50
N TYR B 71 -7.55 9.67 16.31
CA TYR B 71 -7.49 10.20 14.97
C TYR B 71 -6.51 9.36 14.10
N TYR B 72 -5.36 9.04 14.69
CA TYR B 72 -4.44 8.15 14.03
C TYR B 72 -5.03 6.78 13.68
N ARG B 73 -5.74 6.16 14.65
CA ARG B 73 -6.36 4.89 14.37
C ARG B 73 -7.28 4.98 13.15
N HIS B 74 -8.15 6.00 13.15
CA HIS B 74 -9.07 6.18 12.05
C HIS B 74 -8.33 6.36 10.74
N SER B 75 -7.25 7.15 10.74
N SER B 75 -7.21 7.10 10.75
CA SER B 75 -6.62 7.49 9.50
CA SER B 75 -6.49 7.40 9.52
C SER B 75 -6.13 6.27 8.71
C SER B 75 -6.26 6.17 8.65
N ILE B 76 -5.73 5.21 9.42
N ILE B 76 -5.77 5.12 9.28
CA ILE B 76 -5.21 3.97 8.80
CA ILE B 76 -5.38 3.93 8.54
C ILE B 76 -6.13 2.76 8.95
C ILE B 76 -6.28 2.75 8.78
N ASN B 77 -7.24 2.94 9.67
CA ASN B 77 -8.13 1.84 10.04
C ASN B 77 -7.38 0.74 10.79
N ALA B 78 -6.58 1.15 11.77
CA ALA B 78 -5.95 0.20 12.68
C ALA B 78 -6.98 -0.43 13.59
N LEU B 79 -6.66 -1.59 14.15
CA LEU B 79 -7.59 -2.23 15.05
C LEU B 79 -7.58 -1.63 16.43
N ASN B 80 -6.38 -1.45 16.98
CA ASN B 80 -6.18 -0.79 18.26
C ASN B 80 -4.95 0.11 18.13
N VAL B 81 -4.98 1.23 18.84
CA VAL B 81 -3.83 2.11 19.00
C VAL B 81 -3.81 2.55 20.46
N TYR B 82 -2.67 2.40 21.12
CA TYR B 82 -2.61 2.54 22.58
C TYR B 82 -1.30 3.00 23.10
N LEU B 83 -1.33 3.53 24.33
CA LEU B 83 -0.13 3.91 25.05
C LEU B 83 -0.12 3.20 26.39
N GLY B 84 0.85 2.29 26.56
CA GLY B 84 1.01 1.54 27.81
C GLY B 84 1.86 2.35 28.75
N LEU B 85 1.44 2.46 30.00
CA LEU B 85 2.15 3.27 30.97
C LEU B 85 3.01 2.41 31.87
N ASN B 86 3.94 3.09 32.53
CA ASN B 86 4.89 2.48 33.45
C ASN B 86 4.16 1.83 34.62
N ASN B 87 2.98 2.35 34.96
CA ASN B 87 2.23 1.82 36.11
C ASN B 87 1.31 0.69 35.70
N GLY B 88 1.33 0.36 34.39
CA GLY B 88 0.68 -0.83 33.89
C GLY B 88 -0.72 -0.57 33.35
N LYS B 89 -1.19 0.66 33.45
CA LYS B 89 -2.42 1.02 32.79
C LYS B 89 -2.13 1.24 31.30
N VAL B 90 -3.16 1.19 30.49
N VAL B 90 -3.17 1.14 30.47
CA VAL B 90 -3.01 1.42 29.05
CA VAL B 90 -3.07 1.41 29.03
C VAL B 90 -4.15 2.32 28.58
C VAL B 90 -4.17 2.30 28.51
N LEU B 91 -3.77 3.41 27.88
CA LEU B 91 -4.74 4.24 27.20
C LEU B 91 -5.04 3.61 25.85
N LEU B 92 -6.28 3.17 25.67
CA LEU B 92 -6.65 2.29 24.57
C LEU B 92 -7.70 2.89 23.64
N SER B 93 -7.33 3.11 22.37
CA SER B 93 -8.24 3.46 21.32
C SER B 93 -8.53 2.24 20.47
N GLN B 94 -9.80 1.83 20.43
CA GLN B 94 -10.15 0.54 19.82
C GLN B 94 -11.30 0.72 18.95
N LYS B 95 -11.25 -0.08 17.88
CA LYS B 95 -12.27 -0.12 16.89
C LYS B 95 -13.61 -0.46 17.52
N SER B 96 -14.57 0.40 17.18
CA SER B 96 -15.99 0.29 17.60
C SER B 96 -16.15 0.44 19.12
CA ALA B 99 -18.31 5.45 25.54
C ALA B 99 -17.17 5.70 24.55
N LYS B 100 -17.09 6.92 24.01
CA LYS B 100 -16.44 7.13 22.73
C LYS B 100 -14.93 7.35 22.85
N MET B 101 -14.46 8.14 23.83
CA MET B 101 -13.02 8.47 23.78
C MET B 101 -12.17 7.35 24.37
N PRO B 102 -10.86 7.34 24.05
CA PRO B 102 -10.03 6.32 24.65
C PRO B 102 -10.04 6.42 26.17
N GLU B 103 -10.07 5.25 26.80
CA GLU B 103 -10.06 5.13 28.27
C GLU B 103 -8.81 4.43 28.73
N LEU B 104 -8.41 4.75 29.96
N LEU B 104 -8.58 4.53 30.03
CA LEU B 104 -7.44 3.93 30.66
CA LEU B 104 -7.36 4.04 30.62
C LEU B 104 -8.05 2.62 31.06
C LEU B 104 -7.65 2.71 31.36
N ARG B 105 -7.33 1.57 30.73
CA ARG B 105 -7.64 0.25 31.24
C ARG B 105 -6.57 -0.20 32.21
N ASP B 106 -6.95 -0.86 33.30
CA ASP B 106 -5.96 -1.22 34.31
C ASP B 106 -5.86 -2.73 34.48
N ASP B 107 -6.51 -3.48 33.58
CA ASP B 107 -6.67 -4.90 33.77
C ASP B 107 -6.07 -5.72 32.64
N LEU B 108 -5.14 -5.14 31.88
CA LEU B 108 -4.59 -5.83 30.70
C LEU B 108 -3.17 -6.44 30.79
N ASP B 109 -2.53 -6.35 31.94
CA ASP B 109 -1.29 -7.10 32.20
C ASP B 109 -0.18 -6.72 31.22
N ILE B 110 -0.04 -5.43 30.92
CA ILE B 110 0.80 -5.04 29.83
C ILE B 110 2.32 -5.23 30.06
N LYS B 111 2.81 -5.14 31.31
CA LYS B 111 4.23 -4.85 31.53
C LYS B 111 5.10 -6.05 31.30
N THR B 112 4.38 -7.14 31.10
CA THR B 112 4.87 -8.41 30.72
C THR B 112 5.01 -8.75 29.28
N LYS B 113 4.13 -8.09 28.49
CA LYS B 113 3.91 -8.36 27.07
C LYS B 113 5.20 -8.13 26.29
N ASP B 114 5.43 -8.91 25.25
CA ASP B 114 6.64 -8.72 24.46
C ASP B 114 6.64 -7.36 23.78
N TRP B 115 5.47 -6.90 23.32
CA TRP B 115 5.48 -5.62 22.60
C TRP B 115 5.90 -4.49 23.54
N TYR B 116 5.61 -4.68 24.82
CA TYR B 116 5.95 -3.71 25.84
C TYR B 116 7.45 -3.84 26.16
N GLN B 117 7.86 -4.99 26.66
CA GLN B 117 9.24 -5.17 27.13
C GLN B 117 10.27 -5.00 26.02
N GLU B 118 9.95 -5.48 24.82
CA GLU B 118 10.87 -5.38 23.70
C GLU B 118 11.07 -3.95 23.25
N ALA B 119 10.04 -3.12 23.33
CA ALA B 119 10.16 -1.75 22.90
C ALA B 119 11.06 -0.98 23.86
N LEU B 120 11.10 -1.37 25.14
CA LEU B 120 11.96 -0.72 26.14
C LEU B 120 13.43 -1.04 25.92
N LYS B 121 13.69 -2.13 25.18
CA LYS B 121 15.05 -2.64 25.03
C LYS B 121 15.68 -2.15 23.75
N THR B 122 14.96 -1.36 22.99
CA THR B 122 15.46 -0.90 21.71
C THR B 122 14.96 0.51 21.43
N ASN B 123 15.68 1.28 20.63
CA ASN B 123 15.18 2.56 20.16
C ASN B 123 14.44 2.45 18.84
N ASP B 124 14.37 1.23 18.30
CA ASP B 124 13.64 0.93 17.08
C ASP B 124 12.18 0.63 17.37
N ILE B 125 11.40 0.60 16.30
CA ILE B 125 10.10 -0.01 16.34
C ILE B 125 10.27 -1.50 16.45
N PHE B 126 9.53 -2.09 17.39
CA PHE B 126 9.49 -3.52 17.52
C PHE B 126 8.29 -4.02 16.74
N VAL B 127 8.46 -5.10 16.00
CA VAL B 127 7.39 -5.72 15.23
C VAL B 127 7.18 -7.12 15.77
N THR B 128 6.00 -7.40 16.29
CA THR B 128 5.72 -8.70 16.87
C THR B 128 5.44 -9.71 15.74
N PRO B 129 5.69 -11.00 16.01
CA PRO B 129 4.95 -12.01 15.28
C PRO B 129 3.47 -11.84 15.42
N ALA B 130 2.68 -12.39 14.51
CA ALA B 130 1.24 -12.29 14.67
C ALA B 130 0.83 -13.05 15.94
N TYR B 131 -0.20 -12.56 16.62
CA TYR B 131 -0.74 -13.24 17.79
C TYR B 131 -2.20 -12.78 17.99
N LEU B 132 -2.89 -13.44 18.92
CA LEU B 132 -4.29 -13.14 19.13
C LEU B 132 -4.41 -11.96 20.10
N ASP B 133 -4.90 -10.84 19.57
CA ASP B 133 -5.13 -9.66 20.37
C ASP B 133 -6.03 -9.98 21.56
N THR B 134 -5.55 -9.56 22.72
N THR B 134 -5.69 -9.50 22.75
CA THR B 134 -6.19 -9.74 24.01
CA THR B 134 -6.52 -9.71 23.92
C THR B 134 -7.57 -9.12 24.06
C THR B 134 -7.76 -8.78 23.95
N VAL B 135 -7.72 -7.96 23.41
N VAL B 135 -7.74 -7.69 23.19
CA VAL B 135 -9.01 -7.32 23.55
CA VAL B 135 -8.85 -6.70 23.28
C VAL B 135 -10.05 -7.72 22.50
C VAL B 135 -10.06 -7.07 22.44
N LEU B 136 -9.78 -7.48 21.20
CA LEU B 136 -10.80 -7.75 20.21
C LEU B 136 -10.72 -9.14 19.59
N LYS B 137 -9.72 -9.93 19.98
CA LYS B 137 -9.66 -11.36 19.62
C LYS B 137 -9.69 -11.51 18.10
N GLN B 138 -8.81 -10.73 17.48
CA GLN B 138 -8.34 -10.96 16.12
C GLN B 138 -6.83 -11.13 16.13
N TYR B 139 -6.31 -11.85 15.16
CA TYR B 139 -4.87 -11.96 15.01
C TYR B 139 -4.29 -10.65 14.50
N VAL B 140 -3.28 -10.16 15.20
CA VAL B 140 -2.68 -8.89 14.89
C VAL B 140 -1.16 -9.00 14.79
N ILE B 141 -0.61 -8.07 14.03
CA ILE B 141 0.80 -7.71 14.12
C ILE B 141 0.86 -6.36 14.84
N THR B 142 1.70 -6.29 15.86
CA THR B 142 1.85 -5.08 16.66
C THR B 142 3.17 -4.42 16.36
N TYR B 143 3.11 -3.10 16.17
CA TYR B 143 4.25 -2.24 16.02
C TYR B 143 4.31 -1.44 17.31
N SER B 144 5.40 -1.53 18.03
CA SER B 144 5.53 -0.82 19.30
C SER B 144 6.77 0.02 19.33
N LYS B 145 6.72 1.06 20.16
CA LYS B 145 7.78 2.03 20.26
C LYS B 145 7.74 2.69 21.61
N ALA B 146 8.87 2.70 22.31
CA ALA B 146 9.01 3.45 23.53
C ALA B 146 8.99 4.93 23.22
N ILE B 147 8.19 5.68 23.97
N ILE B 147 8.11 5.66 23.91
CA ILE B 147 8.02 7.12 23.73
CA ILE B 147 8.00 7.11 23.77
C ILE B 147 8.72 7.86 24.83
C ILE B 147 8.80 7.80 24.87
N TYR B 148 9.66 8.72 24.45
CA TYR B 148 10.39 9.54 25.37
C TYR B 148 10.02 11.01 25.20
N LYS B 149 10.03 11.71 26.32
CA LYS B 149 9.88 13.16 26.34
C LYS B 149 11.01 13.75 27.17
N ASP B 150 11.84 14.63 26.57
CA ASP B 150 12.99 15.19 27.26
C ASP B 150 13.88 14.10 27.86
N GLY B 151 13.95 12.99 27.15
CA GLY B 151 14.80 11.86 27.57
C GLY B 151 14.20 10.89 28.58
N LYS B 152 12.95 11.13 28.97
CA LYS B 152 12.30 10.31 30.00
C LYS B 152 11.17 9.47 29.38
N ILE B 153 11.11 8.22 29.78
CA ILE B 153 10.10 7.32 29.25
C ILE B 153 8.73 7.73 29.74
N ILE B 154 7.85 7.92 28.78
CA ILE B 154 6.44 8.20 29.03
C ILE B 154 5.62 6.92 29.01
N GLY B 155 5.94 6.03 28.08
CA GLY B 155 5.21 4.78 27.95
C GLY B 155 5.60 4.13 26.64
N VAL B 156 4.88 3.07 26.29
CA VAL B 156 5.14 2.34 25.09
C VAL B 156 3.91 2.42 24.20
N LEU B 157 4.07 3.00 23.02
CA LEU B 157 3.06 3.07 21.98
C LEU B 157 2.92 1.70 21.33
N GLY B 158 1.69 1.28 21.09
CA GLY B 158 1.41 0.12 20.29
C GLY B 158 0.37 0.39 19.23
N VAL B 159 0.58 -0.19 18.06
CA VAL B 159 -0.33 -0.13 16.94
C VAL B 159 -0.61 -1.54 16.47
N ASP B 160 -1.87 -1.96 16.50
CA ASP B 160 -2.24 -3.30 16.08
C ASP B 160 -2.89 -3.24 14.72
N ILE B 161 -2.32 -3.99 13.77
CA ILE B 161 -2.88 -4.14 12.44
C ILE B 161 -3.27 -5.61 12.24
N PRO B 162 -4.53 -5.90 11.86
CA PRO B 162 -4.90 -7.30 11.71
C PRO B 162 -3.95 -7.99 10.72
N SER B 163 -3.45 -9.17 11.07
CA SER B 163 -2.65 -9.93 10.13
C SER B 163 -3.43 -10.31 8.88
N GLU B 164 -4.76 -10.36 9.01
CA GLU B 164 -5.62 -10.53 7.87
C GLU B 164 -5.41 -9.49 6.80
N ASP B 165 -5.05 -8.27 7.17
CA ASP B 165 -4.78 -7.25 6.16
C ASP B 165 -3.63 -7.68 5.26
N LEU B 166 -2.56 -8.21 5.85
CA LEU B 166 -1.43 -8.69 5.04
C LEU B 166 -1.80 -9.95 4.24
N GLN B 167 -2.58 -10.88 4.82
N GLN B 167 -2.57 -10.81 4.88
CA GLN B 167 -3.08 -12.02 4.01
CA GLN B 167 -3.09 -11.99 4.22
C GLN B 167 -3.79 -11.48 2.80
C GLN B 167 -3.92 -11.63 2.96
N ASN B 168 -4.71 -10.55 3.05
CA ASN B 168 -5.52 -10.09 1.93
C ASN B 168 -4.66 -9.45 0.83
N LEU B 169 -3.67 -8.67 1.22
CA LEU B 169 -2.76 -8.12 0.23
C LEU B 169 -2.02 -9.21 -0.57
N VAL B 170 -1.51 -10.21 0.15
CA VAL B 170 -0.82 -11.31 -0.52
C VAL B 170 -1.77 -12.06 -1.44
N ALA B 171 -3.00 -12.33 -0.97
CA ALA B 171 -3.88 -13.15 -1.77
C ALA B 171 -4.21 -12.49 -3.09
N LYS B 172 -4.20 -11.16 -3.11
CA LYS B 172 -4.52 -10.41 -4.35
C LYS B 172 -3.37 -10.36 -5.38
N THR B 173 -2.16 -10.76 -4.98
CA THR B 173 -1.04 -10.72 -5.89
C THR B 173 -1.19 -11.77 -6.99
N PRO B 174 -0.62 -11.53 -8.17
CA PRO B 174 -0.54 -12.59 -9.18
C PRO B 174 0.34 -13.76 -8.72
N GLY B 175 0.18 -14.89 -9.38
CA GLY B 175 1.04 -16.02 -9.10
C GLY B 175 0.55 -16.82 -7.91
N ASN B 176 0.97 -18.08 -7.89
CA ASN B 176 0.70 -18.97 -6.81
C ASN B 176 1.72 -18.76 -5.71
N THR B 177 1.59 -17.60 -5.08
CA THR B 177 2.53 -17.18 -4.06
C THR B 177 1.91 -17.34 -2.67
N PHE B 178 2.78 -17.51 -1.70
CA PHE B 178 2.37 -17.79 -0.34
C PHE B 178 3.48 -17.41 0.64
N LEU B 179 3.11 -17.15 1.90
N LEU B 179 3.16 -17.45 1.93
CA LEU B 179 4.06 -16.81 2.95
CA LEU B 179 3.99 -16.81 2.91
C LEU B 179 3.98 -17.84 4.06
C LEU B 179 3.96 -17.66 4.17
N PHE B 180 5.14 -18.08 4.67
CA PHE B 180 5.29 -18.72 5.97
C PHE B 180 5.75 -17.73 7.00
N ASP B 181 5.37 -17.96 8.25
CA ASP B 181 5.81 -17.15 9.34
C ASP B 181 7.14 -17.65 9.88
N GLN B 182 7.61 -17.00 10.93
N GLN B 182 7.60 -16.99 10.92
CA GLN B 182 8.93 -17.25 11.50
CA GLN B 182 8.93 -17.25 11.49
C GLN B 182 9.10 -18.66 12.10
C GLN B 182 9.09 -18.68 12.03
N LYS B 183 7.98 -19.32 12.35
CA LYS B 183 8.01 -20.70 12.79
C LYS B 183 7.75 -21.68 11.64
N ASN B 184 7.82 -21.19 10.41
CA ASN B 184 7.63 -22.04 9.24
C ASN B 184 6.25 -22.63 9.23
N LYS B 185 5.27 -21.82 9.66
CA LYS B 185 3.85 -22.22 9.56
C LYS B 185 3.21 -21.37 8.46
N ILE B 186 2.32 -21.95 7.66
CA ILE B 186 1.70 -21.22 6.58
C ILE B 186 0.91 -20.03 7.15
N PHE B 187 1.04 -18.89 6.51
CA PHE B 187 0.56 -17.63 7.05
C PHE B 187 -0.37 -16.90 6.09
N ALA B 188 -0.04 -16.88 4.80
CA ALA B 188 -0.85 -16.22 3.78
C ALA B 188 -0.71 -16.98 2.47
N ALA B 189 -1.71 -16.88 1.58
CA ALA B 189 -1.63 -17.56 0.29
C ALA B 189 -2.64 -16.98 -0.70
N THR B 190 -2.23 -16.87 -1.97
CA THR B 190 -3.15 -16.62 -3.05
C THR B 190 -4.20 -17.71 -3.16
N ASN B 191 -3.74 -18.95 -3.15
CA ASN B 191 -4.62 -20.10 -3.11
C ASN B 191 -4.97 -20.38 -1.65
N LYS B 192 -6.13 -19.91 -1.22
CA LYS B 192 -6.46 -20.03 0.18
C LYS B 192 -6.52 -21.46 0.67
N GLU B 193 -6.63 -22.44 -0.24
CA GLU B 193 -6.58 -23.84 0.24
C GLU B 193 -5.27 -24.15 0.93
N LEU B 194 -4.20 -23.47 0.55
CA LEU B 194 -2.91 -23.73 1.15
C LEU B 194 -2.85 -23.41 2.62
N LEU B 195 -3.82 -22.61 3.10
CA LEU B 195 -3.84 -22.26 4.50
C LEU B 195 -4.38 -23.39 5.39
N ASN B 196 -5.02 -24.37 4.77
CA ASN B 196 -5.64 -25.41 5.58
C ASN B 196 -4.55 -26.23 6.26
N PRO B 197 -4.74 -26.59 7.53
CA PRO B 197 -3.68 -27.31 8.26
C PRO B 197 -3.38 -28.71 7.73
N SER B 198 -4.27 -29.28 6.94
CA SER B 198 -4.05 -30.62 6.37
C SER B 198 -3.06 -30.63 5.18
N ILE B 199 -2.70 -29.45 4.67
CA ILE B 199 -1.69 -29.34 3.64
C ILE B 199 -0.31 -29.50 4.24
N ASP B 200 0.45 -30.44 3.66
CA ASP B 200 1.82 -30.76 4.10
C ASP B 200 2.76 -29.84 3.34
N HIS B 201 3.27 -28.81 4.04
CA HIS B 201 4.27 -27.90 3.45
C HIS B 201 5.71 -28.34 3.65
N SER B 202 5.92 -29.48 4.31
N SER B 202 5.92 -29.50 4.29
CA SER B 202 7.29 -29.93 4.54
CA SER B 202 7.29 -29.94 4.55
C SER B 202 8.09 -30.11 3.23
C SER B 202 8.11 -30.19 3.26
N PRO B 203 7.47 -30.68 2.19
CA PRO B 203 8.27 -30.82 1.00
C PRO B 203 8.80 -29.52 0.39
N VAL B 204 7.96 -28.51 0.33
CA VAL B 204 8.42 -27.22 -0.24
C VAL B 204 9.49 -26.58 0.68
N LEU B 205 9.28 -26.66 1.99
CA LEU B 205 10.18 -26.06 2.95
C LEU B 205 11.52 -26.77 2.98
N ASN B 206 11.48 -28.09 2.88
CA ASN B 206 12.72 -28.87 2.87
C ASN B 206 13.55 -28.56 1.63
N ALA B 207 12.87 -28.45 0.50
CA ALA B 207 13.56 -28.13 -0.75
C ALA B 207 14.15 -26.74 -0.70
N TYR B 208 13.37 -25.80 -0.18
CA TYR B 208 13.90 -24.45 0.00
C TYR B 208 15.19 -24.44 0.84
N LYS B 209 15.18 -25.18 1.94
N LYS B 209 15.17 -25.17 1.94
CA LYS B 209 16.34 -25.19 2.81
CA LYS B 209 16.33 -25.19 2.82
C LYS B 209 17.58 -25.64 2.05
C LYS B 209 17.59 -25.66 2.08
N LEU B 210 17.43 -26.57 1.12
CA LEU B 210 18.59 -27.04 0.33
C LEU B 210 19.09 -26.01 -0.69
N ASN B 211 18.19 -25.12 -1.12
CA ASN B 211 18.48 -24.29 -2.29
C ASN B 211 18.79 -22.85 -2.04
N GLY B 212 18.22 -22.29 -0.99
CA GLY B 212 18.41 -20.88 -0.74
C GLY B 212 17.59 -19.91 -1.58
N ASP B 213 17.77 -18.62 -1.27
CA ASP B 213 16.84 -17.62 -1.74
C ASP B 213 16.86 -17.47 -3.27
N ASN B 214 15.66 -17.52 -3.83
N ASN B 214 15.65 -17.48 -3.83
CA ASN B 214 15.42 -17.22 -5.23
CA ASN B 214 15.36 -17.30 -5.26
C ASN B 214 16.04 -18.24 -6.19
C ASN B 214 15.79 -18.38 -6.21
N ASN B 215 16.38 -19.42 -5.67
CA ASN B 215 16.87 -20.51 -6.50
C ASN B 215 15.80 -21.58 -6.70
N PHE B 216 15.48 -21.86 -7.96
CA PHE B 216 14.42 -22.81 -8.23
C PHE B 216 14.80 -24.24 -7.93
N PHE B 217 13.81 -24.96 -7.43
CA PHE B 217 13.98 -26.35 -7.04
C PHE B 217 12.77 -27.17 -7.44
N SER B 218 13.00 -28.48 -7.59
N SER B 218 13.01 -28.47 -7.57
CA SER B 218 11.95 -29.45 -7.74
CA SER B 218 11.95 -29.45 -7.76
C SER B 218 11.58 -30.02 -6.40
C SER B 218 11.58 -30.05 -6.42
N TYR B 219 10.30 -30.34 -6.25
CA TYR B 219 9.83 -31.06 -5.08
C TYR B 219 8.60 -31.84 -5.47
N LYS B 220 8.11 -32.67 -4.55
N LYS B 220 8.11 -32.71 -4.59
CA LYS B 220 6.97 -33.54 -4.84
CA LYS B 220 6.89 -33.43 -4.92
C LYS B 220 5.99 -33.48 -3.68
C LYS B 220 5.98 -33.53 -3.72
N LEU B 221 4.69 -33.36 -3.97
CA LEU B 221 3.67 -33.55 -2.95
C LEU B 221 2.50 -34.37 -3.51
N ASN B 222 2.12 -35.44 -2.82
CA ASN B 222 1.06 -36.33 -3.33
C ASN B 222 1.41 -36.89 -4.70
N ASN B 223 2.68 -37.23 -4.89
CA ASN B 223 3.16 -37.78 -6.15
C ASN B 223 3.09 -36.83 -7.36
N GLU B 224 2.85 -35.55 -7.13
CA GLU B 224 2.90 -34.56 -8.19
C GLU B 224 4.25 -33.84 -8.12
N GLU B 225 4.96 -33.81 -9.24
CA GLU B 225 6.18 -33.03 -9.35
C GLU B 225 5.82 -31.56 -9.53
N ARG B 226 6.56 -30.73 -8.82
CA ARG B 226 6.34 -29.29 -8.77
C ARG B 226 7.69 -28.58 -8.86
N LEU B 227 7.66 -27.29 -9.16
CA LEU B 227 8.82 -26.42 -9.18
C LEU B 227 8.52 -25.23 -8.28
N GLY B 228 9.48 -24.86 -7.47
CA GLY B 228 9.28 -23.71 -6.58
C GLY B 228 10.53 -22.87 -6.44
N ALA B 229 10.32 -21.68 -5.87
CA ALA B 229 11.41 -20.88 -5.32
C ALA B 229 10.87 -20.12 -4.14
N CYS B 230 11.73 -19.91 -3.15
CA CYS B 230 11.37 -19.10 -1.98
C CYS B 230 12.49 -18.12 -1.67
N THR B 231 12.13 -17.13 -0.87
CA THR B 231 13.06 -16.16 -0.34
C THR B 231 12.64 -15.69 1.04
N LYS B 232 13.61 -15.33 1.85
CA LYS B 232 13.34 -14.70 3.13
C LYS B 232 12.89 -13.26 2.89
N VAL B 233 11.88 -12.87 3.65
CA VAL B 233 11.45 -11.46 3.69
C VAL B 233 11.22 -11.10 5.16
N PHE B 234 12.16 -10.39 5.78
CA PHE B 234 12.22 -10.30 7.25
C PHE B 234 12.23 -11.71 7.82
N ALA B 235 11.34 -12.04 8.75
CA ALA B 235 11.31 -13.37 9.30
C ALA B 235 10.41 -14.32 8.56
N TYR B 236 9.69 -13.80 7.58
CA TYR B 236 8.80 -14.62 6.74
C TYR B 236 9.60 -15.32 5.66
N THR B 237 9.00 -16.36 5.12
CA THR B 237 9.46 -17.00 3.90
C THR B 237 8.39 -16.89 2.84
N ALA B 238 8.72 -16.23 1.73
CA ALA B 238 7.79 -16.09 0.61
C ALA B 238 8.15 -17.13 -0.43
N CYS B 239 7.16 -17.82 -0.98
CA CYS B 239 7.37 -18.82 -2.00
C CYS B 239 6.45 -18.64 -3.18
N ILE B 240 6.85 -19.20 -4.32
CA ILE B 240 6.03 -19.42 -5.49
C ILE B 240 6.25 -20.85 -5.93
N THR B 241 5.16 -21.51 -6.34
CA THR B 241 5.30 -22.86 -6.90
C THR B 241 4.36 -23.04 -8.07
N GLU B 242 4.70 -24.02 -8.91
N GLU B 242 4.68 -24.03 -8.89
CA GLU B 242 3.81 -24.47 -9.99
CA GLU B 242 3.81 -24.37 -10.00
C GLU B 242 3.94 -25.97 -10.17
C GLU B 242 4.07 -25.83 -10.29
N SER B 243 2.95 -26.53 -10.86
N SER B 243 3.03 -26.53 -10.73
CA SER B 243 3.05 -27.87 -11.39
CA SER B 243 3.18 -27.92 -11.13
C SER B 243 4.17 -28.01 -12.40
C SER B 243 4.13 -28.04 -12.33
N ALA B 244 4.90 -29.13 -12.37
CA ALA B 244 5.87 -29.38 -13.42
C ALA B 244 5.18 -29.44 -14.78
N ASP B 245 3.94 -29.93 -14.79
CA ASP B 245 3.17 -30.07 -16.02
C ASP B 245 2.53 -28.78 -16.50
N ILE B 246 2.71 -27.70 -15.74
N ILE B 246 2.65 -27.71 -15.72
CA ILE B 246 2.38 -26.36 -16.23
CA ILE B 246 2.37 -26.36 -16.20
C ILE B 246 3.62 -25.57 -16.63
C ILE B 246 3.65 -25.68 -16.69
N ILE B 247 4.73 -25.84 -15.93
CA ILE B 247 6.04 -25.31 -16.36
C ILE B 247 6.45 -25.86 -17.73
N ASN B 248 6.25 -27.17 -17.87
CA ASN B 248 6.55 -27.91 -19.08
C ASN B 248 5.30 -28.70 -19.49
N LYS B 249 4.47 -28.05 -20.29
CA LYS B 249 3.15 -28.59 -20.62
C LYS B 249 3.36 -29.79 -21.53
N PRO B 250 2.92 -30.99 -21.10
CA PRO B 250 3.19 -32.18 -21.93
C PRO B 250 2.32 -32.18 -23.17
N ILE B 251 2.84 -32.73 -24.25
N ILE B 251 2.86 -32.71 -24.26
CA ILE B 251 2.05 -32.91 -25.45
CA ILE B 251 2.07 -32.89 -25.47
C ILE B 251 0.92 -33.89 -25.17
C ILE B 251 0.99 -33.98 -25.31
N TYR B 252 1.25 -34.92 -24.39
CA TYR B 252 0.27 -35.94 -24.02
C TYR B 252 0.08 -35.93 -22.50
N LYS B 253 -1.12 -35.59 -22.04
CA LYS B 253 -1.39 -35.43 -20.61
C LYS B 253 -1.47 -36.80 -19.99
N ALA B 254 -1.03 -36.88 -18.74
N ALA B 254 -1.06 -36.90 -18.74
CA ALA B 254 -1.06 -38.12 -17.98
CA ALA B 254 -1.07 -38.16 -18.01
C ALA B 254 -2.39 -38.86 -18.07
C ALA B 254 -2.47 -38.65 -17.66
#